data_2ZKZ
#
_entry.id   2ZKZ
#
_cell.length_a   73.010
_cell.length_b   73.010
_cell.length_c   151.120
_cell.angle_alpha   90.000
_cell.angle_beta   90.000
_cell.angle_gamma   90.000
#
_symmetry.space_group_name_H-M   'P 41 21 2'
#
loop_
_entity.id
_entity.type
_entity.pdbx_description
1 polymer 'Transcriptional repressor pagR'
2 water water
#
_entity_poly.entity_id   1
_entity_poly.type   'polypeptide(L)'
_entity_poly.pdbx_seq_one_letter_code
;(MSE)TVFVDHKIEY(MSE)SLEDDAELLKT(MSE)AHP(MSE)RLKIVNELYKHKALNVTQIIQILKLPQSTVSQHLCK
(MSE)RGKVLKRNRQGLEIYYSINNPKVEGIIKLLNPIQ
;
_entity_poly.pdbx_strand_id   A,B,C,D
#
# COMPACT_ATOMS: atom_id res chain seq x y z
N TYR A 11 6.13 -15.44 -12.97
CA TYR A 11 5.38 -15.67 -11.70
C TYR A 11 5.84 -14.69 -10.63
N MSE A 12 4.88 -14.20 -9.84
CA MSE A 12 5.21 -13.25 -8.78
C MSE A 12 5.05 -13.80 -7.38
O MSE A 12 4.11 -14.54 -7.09
CB MSE A 12 4.38 -11.99 -8.94
CG MSE A 12 5.11 -10.94 -9.72
SE MSE A 12 3.99 -9.50 -10.20
CE MSE A 12 3.38 -8.97 -8.44
N SER A 13 5.98 -13.43 -6.52
CA SER A 13 5.99 -13.87 -5.13
C SER A 13 5.01 -13.09 -4.27
N LEU A 14 4.92 -13.52 -3.01
CA LEU A 14 4.05 -12.87 -2.04
C LEU A 14 4.56 -11.44 -1.87
N GLU A 15 5.89 -11.30 -1.86
CA GLU A 15 6.52 -9.99 -1.70
C GLU A 15 6.24 -9.10 -2.90
N ASP A 16 6.24 -9.68 -4.11
CA ASP A 16 5.97 -8.92 -5.33
C ASP A 16 4.52 -8.43 -5.28
N ASP A 17 3.60 -9.27 -4.83
CA ASP A 17 2.21 -8.86 -4.73
C ASP A 17 2.03 -7.74 -3.71
N ALA A 18 2.69 -7.84 -2.56
CA ALA A 18 2.62 -6.80 -1.54
C ALA A 18 3.19 -5.48 -2.06
N GLU A 19 4.32 -5.58 -2.74
CA GLU A 19 5.01 -4.42 -3.30
C GLU A 19 4.16 -3.77 -4.41
N LEU A 20 3.40 -4.58 -5.15
CA LEU A 20 2.53 -4.07 -6.21
C LEU A 20 1.43 -3.21 -5.58
N LEU A 21 0.82 -3.71 -4.51
CA LEU A 21 -0.23 -2.96 -3.85
C LEU A 21 0.35 -1.69 -3.24
N LYS A 22 1.52 -1.79 -2.64
CA LYS A 22 2.16 -0.62 -2.03
C LYS A 22 2.42 0.49 -3.06
N THR A 23 2.91 0.09 -4.24
CA THR A 23 3.20 1.05 -5.29
C THR A 23 1.94 1.73 -5.85
N MSE A 24 0.82 1.02 -5.83
CA MSE A 24 -0.45 1.58 -6.32
C MSE A 24 -1.24 2.30 -5.22
O MSE A 24 -2.22 2.98 -5.49
CB MSE A 24 -1.37 0.46 -6.85
CG MSE A 24 -0.84 -0.38 -8.01
SE MSE A 24 -2.07 -1.84 -8.46
CE MSE A 24 -3.54 -0.77 -9.13
N ALA A 25 -0.78 2.17 -3.97
CA ALA A 25 -1.49 2.77 -2.83
C ALA A 25 -1.43 4.28 -2.63
N HIS A 26 -1.72 5.03 -3.68
CA HIS A 26 -1.72 6.49 -3.66
C HIS A 26 -2.85 6.94 -4.58
N PRO A 27 -3.70 7.86 -4.11
CA PRO A 27 -4.83 8.39 -4.89
C PRO A 27 -4.52 8.75 -6.34
N MSE A 28 -3.52 9.59 -6.55
CA MSE A 28 -3.17 10.02 -7.89
C MSE A 28 -2.59 8.88 -8.74
O MSE A 28 -2.71 8.89 -9.96
CB MSE A 28 -2.22 11.21 -7.83
CG MSE A 28 -2.89 12.49 -7.35
SE MSE A 28 -4.48 12.96 -8.39
CE MSE A 28 -5.85 12.26 -7.20
N ARG A 29 -1.96 7.91 -8.08
CA ARG A 29 -1.43 6.78 -8.82
C ARG A 29 -2.58 5.91 -9.29
N LEU A 30 -3.61 5.78 -8.46
CA LEU A 30 -4.75 4.99 -8.89
C LEU A 30 -5.44 5.71 -10.05
N LYS A 31 -5.44 7.04 -10.02
CA LYS A 31 -6.04 7.83 -11.10
C LYS A 31 -5.29 7.56 -12.39
N ILE A 32 -3.96 7.58 -12.31
CA ILE A 32 -3.13 7.33 -13.48
C ILE A 32 -3.43 5.95 -14.07
N VAL A 33 -3.48 4.94 -13.22
CA VAL A 33 -3.77 3.59 -13.71
C VAL A 33 -5.15 3.52 -14.36
N ASN A 34 -6.13 4.15 -13.71
CA ASN A 34 -7.50 4.15 -14.26
C ASN A 34 -7.50 4.79 -15.66
N GLU A 35 -6.80 5.91 -15.79
CA GLU A 35 -6.73 6.61 -17.08
C GLU A 35 -6.08 5.75 -18.16
N LEU A 36 -5.01 5.04 -17.82
CA LEU A 36 -4.33 4.19 -18.78
C LEU A 36 -5.22 3.01 -19.15
N TYR A 37 -6.07 2.60 -18.20
CA TYR A 37 -6.98 1.50 -18.44
C TYR A 37 -8.01 1.95 -19.48
N LYS A 38 -8.45 3.20 -19.35
CA LYS A 38 -9.44 3.76 -20.26
C LYS A 38 -8.88 4.20 -21.62
N HIS A 39 -7.69 4.79 -21.61
CA HIS A 39 -7.07 5.29 -22.84
C HIS A 39 -5.99 4.40 -23.46
N LYS A 40 -5.61 3.34 -22.74
CA LYS A 40 -4.61 2.37 -23.18
C LYS A 40 -3.18 2.86 -23.32
N ALA A 41 -3.00 4.07 -23.86
CA ALA A 41 -1.66 4.61 -24.04
C ALA A 41 -1.67 6.11 -23.82
N LEU A 42 -0.78 6.61 -22.97
CA LEU A 42 -0.71 8.03 -22.68
C LEU A 42 0.72 8.49 -22.39
N ASN A 43 1.10 9.65 -22.95
CA ASN A 43 2.43 10.18 -22.69
C ASN A 43 2.29 11.09 -21.46
N VAL A 44 3.42 11.57 -20.96
CA VAL A 44 3.43 12.42 -19.78
C VAL A 44 2.55 13.65 -19.90
N THR A 45 2.62 14.32 -21.05
CA THR A 45 1.83 15.53 -21.25
C THR A 45 0.34 15.27 -21.17
N GLN A 46 -0.11 14.16 -21.75
CA GLN A 46 -1.52 13.78 -21.70
C GLN A 46 -1.94 13.49 -20.26
N ILE A 47 -1.02 12.90 -19.50
CA ILE A 47 -1.28 12.57 -18.11
C ILE A 47 -1.34 13.83 -17.25
N ILE A 48 -0.37 14.73 -17.47
CA ILE A 48 -0.35 15.98 -16.72
C ILE A 48 -1.63 16.77 -16.96
N GLN A 49 -2.09 16.80 -18.21
CA GLN A 49 -3.30 17.54 -18.55
C GLN A 49 -4.58 16.87 -18.04
N ILE A 50 -4.55 15.55 -17.90
CA ILE A 50 -5.73 14.83 -17.40
C ILE A 50 -5.85 14.98 -15.89
N LEU A 51 -4.71 14.84 -15.20
CA LEU A 51 -4.68 14.95 -13.74
C LEU A 51 -4.64 16.38 -13.21
N LYS A 52 -4.20 17.32 -14.03
CA LYS A 52 -4.11 18.71 -13.62
C LYS A 52 -3.14 18.85 -12.45
N LEU A 53 -2.00 18.18 -12.56
CA LEU A 53 -1.00 18.23 -11.51
C LEU A 53 0.34 18.69 -12.08
N PRO A 54 1.23 19.20 -11.23
CA PRO A 54 2.55 19.67 -11.69
C PRO A 54 3.28 18.54 -12.41
N GLN A 55 4.12 18.89 -13.37
CA GLN A 55 4.87 17.87 -14.11
C GLN A 55 5.82 17.14 -13.16
N SER A 56 6.29 17.86 -12.15
CA SER A 56 7.20 17.30 -11.16
C SER A 56 6.53 16.17 -10.39
N THR A 57 5.31 16.42 -9.95
CA THR A 57 4.56 15.43 -9.18
C THR A 57 4.24 14.21 -10.04
N VAL A 58 3.76 14.44 -11.26
CA VAL A 58 3.41 13.36 -12.17
C VAL A 58 4.61 12.50 -12.53
N SER A 59 5.74 13.14 -12.83
CA SER A 59 6.95 12.43 -13.19
C SER A 59 7.42 11.52 -12.05
N GLN A 60 7.30 11.99 -10.81
CA GLN A 60 7.73 11.20 -9.68
C GLN A 60 6.85 9.95 -9.52
N HIS A 61 5.55 10.10 -9.71
CA HIS A 61 4.65 8.96 -9.62
C HIS A 61 5.00 7.96 -10.71
N LEU A 62 5.17 8.45 -11.94
CA LEU A 62 5.51 7.56 -13.05
C LEU A 62 6.83 6.85 -12.80
N CYS A 63 7.80 7.56 -12.21
CA CYS A 63 9.10 6.98 -11.91
C CYS A 63 8.96 5.81 -10.95
N LYS A 64 8.18 6.03 -9.89
CA LYS A 64 7.95 5.01 -8.88
C LYS A 64 7.17 3.80 -9.43
N MSE A 65 6.24 4.07 -10.34
CA MSE A 65 5.39 3.03 -10.93
C MSE A 65 6.02 2.22 -12.07
O MSE A 65 5.71 1.05 -12.25
CB MSE A 65 4.10 3.65 -11.44
CG MSE A 65 3.40 4.52 -10.39
SE MSE A 65 1.87 5.50 -11.08
CE MSE A 65 2.71 6.63 -12.36
N ARG A 66 6.90 2.86 -12.84
CA ARG A 66 7.53 2.19 -13.97
C ARG A 66 8.27 0.91 -13.61
N GLY A 67 7.94 -0.17 -14.31
CA GLY A 67 8.61 -1.44 -14.06
C GLY A 67 7.91 -2.33 -13.07
N LYS A 68 7.00 -1.78 -12.28
CA LYS A 68 6.27 -2.56 -11.31
C LYS A 68 4.79 -2.55 -11.61
N VAL A 69 4.25 -1.35 -11.86
CA VAL A 69 2.83 -1.18 -12.14
C VAL A 69 2.56 -0.81 -13.59
N LEU A 70 3.44 0.03 -14.13
CA LEU A 70 3.30 0.51 -15.51
C LEU A 70 4.47 0.14 -16.41
N LYS A 71 4.19 0.11 -17.71
CA LYS A 71 5.20 -0.19 -18.71
C LYS A 71 5.53 1.09 -19.49
N ARG A 72 6.82 1.37 -19.63
CA ARG A 72 7.23 2.54 -20.39
C ARG A 72 7.51 2.07 -21.82
N ASN A 73 6.96 2.79 -22.80
CA ASN A 73 7.12 2.44 -24.21
C ASN A 73 7.67 3.61 -25.00
N ARG A 74 8.41 3.29 -26.06
CA ARG A 74 9.00 4.29 -26.93
C ARG A 74 8.54 4.04 -28.37
N GLN A 75 8.17 5.11 -29.06
CA GLN A 75 7.76 5.03 -30.45
C GLN A 75 8.24 6.32 -31.10
N GLY A 76 9.38 6.24 -31.77
CA GLY A 76 9.95 7.42 -32.38
C GLY A 76 10.39 8.36 -31.26
N LEU A 77 9.92 9.59 -31.32
CA LEU A 77 10.26 10.59 -30.31
C LEU A 77 9.37 10.46 -29.08
N GLU A 78 8.28 9.72 -29.21
CA GLU A 78 7.34 9.61 -28.09
C GLU A 78 7.59 8.50 -27.09
N ILE A 79 7.42 8.85 -25.81
CA ILE A 79 7.53 7.90 -24.71
C ILE A 79 6.11 7.89 -24.14
N TYR A 80 5.48 6.71 -24.11
CA TYR A 80 4.14 6.63 -23.56
C TYR A 80 4.03 5.44 -22.62
N TYR A 81 3.06 5.52 -21.71
CA TYR A 81 2.85 4.47 -20.73
C TYR A 81 1.65 3.61 -21.02
N SER A 82 1.70 2.37 -20.52
CA SER A 82 0.62 1.43 -20.71
C SER A 82 0.60 0.44 -19.55
N ILE A 83 -0.44 -0.36 -19.48
CA ILE A 83 -0.55 -1.37 -18.45
C ILE A 83 -0.35 -2.72 -19.15
N ASN A 84 0.66 -3.47 -18.74
CA ASN A 84 0.90 -4.77 -19.35
C ASN A 84 0.84 -5.91 -18.31
N ASN A 85 0.67 -5.54 -17.04
CA ASN A 85 0.56 -6.53 -15.96
C ASN A 85 -0.92 -6.83 -15.74
N PRO A 86 -1.31 -8.10 -15.95
CA PRO A 86 -2.69 -8.54 -15.79
C PRO A 86 -3.27 -8.21 -14.41
N LYS A 87 -2.45 -8.35 -13.38
CA LYS A 87 -2.90 -8.08 -12.02
C LYS A 87 -3.30 -6.62 -11.82
N VAL A 88 -2.52 -5.71 -12.41
CA VAL A 88 -2.81 -4.29 -12.31
C VAL A 88 -4.15 -3.98 -12.96
N GLU A 89 -4.35 -4.49 -14.18
CA GLU A 89 -5.61 -4.24 -14.88
C GLU A 89 -6.76 -4.83 -14.07
N GLY A 90 -6.56 -6.05 -13.56
CA GLY A 90 -7.60 -6.70 -12.78
C GLY A 90 -7.99 -5.89 -11.55
N ILE A 91 -7.00 -5.33 -10.87
CA ILE A 91 -7.25 -4.56 -9.65
C ILE A 91 -7.94 -3.24 -9.93
N ILE A 92 -7.51 -2.54 -10.97
CA ILE A 92 -8.12 -1.26 -11.25
C ILE A 92 -9.57 -1.42 -11.66
N LYS A 93 -9.90 -2.52 -12.34
CA LYS A 93 -11.29 -2.76 -12.74
C LYS A 93 -12.14 -2.98 -11.50
N LEU A 94 -11.65 -3.82 -10.59
CA LEU A 94 -12.36 -4.13 -9.35
C LEU A 94 -12.59 -2.91 -8.49
N LEU A 95 -11.67 -1.95 -8.56
CA LEU A 95 -11.78 -0.74 -7.75
C LEU A 95 -12.80 0.28 -8.24
N ASN A 96 -13.14 0.25 -9.52
CA ASN A 96 -14.12 1.20 -10.04
C ASN A 96 -15.55 0.73 -9.73
N TYR B 11 -12.79 11.77 -5.47
CA TYR B 11 -11.48 11.69 -4.78
C TYR B 11 -11.56 10.79 -3.55
N MSE B 12 -12.67 10.87 -2.81
CA MSE B 12 -12.84 10.05 -1.61
C MSE B 12 -12.82 8.57 -1.96
O MSE B 12 -12.32 7.75 -1.18
CB MSE B 12 -14.14 10.40 -0.89
CG MSE B 12 -14.37 9.60 0.39
SE MSE B 12 -13.00 9.88 1.76
CE MSE B 12 -13.82 11.41 2.64
N SER B 13 -13.38 8.21 -3.11
CA SER B 13 -13.40 6.83 -3.55
C SER B 13 -11.96 6.40 -3.86
N LEU B 14 -11.14 7.37 -4.24
CA LEU B 14 -9.74 7.11 -4.55
C LEU B 14 -8.91 7.02 -3.27
N GLU B 15 -9.21 7.87 -2.29
CA GLU B 15 -8.47 7.86 -1.04
C GLU B 15 -8.79 6.59 -0.26
N ASP B 16 -10.07 6.23 -0.24
CA ASP B 16 -10.53 5.02 0.43
C ASP B 16 -9.81 3.83 -0.16
N ASP B 17 -9.80 3.75 -1.49
CA ASP B 17 -9.13 2.65 -2.17
C ASP B 17 -7.63 2.62 -1.94
N ALA B 18 -7.01 3.79 -1.93
CA ALA B 18 -5.58 3.88 -1.71
C ALA B 18 -5.22 3.37 -0.31
N GLU B 19 -6.02 3.76 0.68
CA GLU B 19 -5.77 3.33 2.06
C GLU B 19 -6.00 1.82 2.22
N LEU B 20 -6.95 1.28 1.47
CA LEU B 20 -7.24 -0.14 1.54
C LEU B 20 -5.99 -0.91 1.06
N LEU B 21 -5.45 -0.50 -0.09
CA LEU B 21 -4.25 -1.13 -0.65
C LEU B 21 -3.06 -0.98 0.28
N LYS B 22 -2.90 0.22 0.86
CA LYS B 22 -1.79 0.49 1.75
C LYS B 22 -1.81 -0.47 2.96
N THR B 23 -3.00 -0.66 3.52
CA THR B 23 -3.16 -1.52 4.66
C THR B 23 -2.88 -2.99 4.32
N MSE B 24 -3.20 -3.39 3.10
CA MSE B 24 -2.98 -4.77 2.65
C MSE B 24 -1.54 -5.02 2.18
O MSE B 24 -1.10 -6.16 2.10
CB MSE B 24 -3.89 -5.13 1.47
CG MSE B 24 -5.39 -5.12 1.74
SE MSE B 24 -6.36 -5.46 0.08
CE MSE B 24 -5.85 -7.30 -0.19
N ALA B 25 -0.83 -3.94 1.86
CA ALA B 25 0.53 -4.03 1.29
C ALA B 25 1.69 -4.54 2.13
N HIS B 26 1.52 -5.71 2.73
CA HIS B 26 2.57 -6.35 3.54
C HIS B 26 2.41 -7.84 3.31
N PRO B 27 3.53 -8.55 3.10
CA PRO B 27 3.48 -9.99 2.85
C PRO B 27 2.64 -10.82 3.83
N MSE B 28 2.89 -10.68 5.12
CA MSE B 28 2.15 -11.47 6.10
C MSE B 28 0.69 -11.05 6.21
O MSE B 28 -0.16 -11.83 6.62
CB MSE B 28 2.84 -11.44 7.46
CG MSE B 28 4.20 -12.17 7.47
SE MSE B 28 4.13 -14.06 6.96
CE MSE B 28 4.49 -13.89 5.07
N ARG B 29 0.39 -9.80 5.85
CA ARG B 29 -0.99 -9.35 5.90
C ARG B 29 -1.73 -9.99 4.75
N LEU B 30 -1.09 -10.13 3.60
CA LEU B 30 -1.73 -10.76 2.47
C LEU B 30 -1.95 -12.23 2.79
N LYS B 31 -1.00 -12.83 3.51
CA LYS B 31 -1.13 -14.23 3.89
C LYS B 31 -2.32 -14.36 4.84
N ILE B 32 -2.46 -13.41 5.76
CA ILE B 32 -3.58 -13.44 6.70
C ILE B 32 -4.91 -13.26 5.94
N VAL B 33 -4.94 -12.32 5.01
CA VAL B 33 -6.17 -12.09 4.24
C VAL B 33 -6.53 -13.31 3.40
N ASN B 34 -5.54 -13.95 2.80
CA ASN B 34 -5.79 -15.13 2.00
C ASN B 34 -6.38 -16.26 2.87
N GLU B 35 -5.84 -16.44 4.07
CA GLU B 35 -6.36 -17.48 4.96
C GLU B 35 -7.81 -17.19 5.36
N LEU B 36 -8.11 -15.91 5.62
CA LEU B 36 -9.46 -15.52 5.99
C LEU B 36 -10.39 -15.71 4.79
N TYR B 37 -9.84 -15.58 3.59
CA TYR B 37 -10.65 -15.78 2.39
C TYR B 37 -10.95 -17.27 2.24
N LYS B 38 -9.96 -18.10 2.54
CA LYS B 38 -10.12 -19.54 2.43
C LYS B 38 -10.98 -20.13 3.55
N HIS B 39 -10.99 -19.49 4.71
CA HIS B 39 -11.76 -20.00 5.85
C HIS B 39 -12.95 -19.17 6.28
N LYS B 40 -13.15 -18.02 5.63
CA LYS B 40 -14.28 -17.14 5.96
C LYS B 40 -14.06 -16.36 7.26
N ALA B 41 -13.81 -17.08 8.35
CA ALA B 41 -13.57 -16.44 9.65
C ALA B 41 -12.64 -17.30 10.51
N LEU B 42 -11.68 -16.68 11.17
CA LEU B 42 -10.73 -17.41 12.01
C LEU B 42 -10.45 -16.63 13.29
N ASN B 43 -10.21 -17.32 14.40
CA ASN B 43 -9.86 -16.58 15.61
C ASN B 43 -8.34 -16.47 15.60
N VAL B 44 -7.82 -15.64 16.50
CA VAL B 44 -6.39 -15.40 16.57
C VAL B 44 -5.57 -16.66 16.78
N THR B 45 -6.06 -17.58 17.61
CA THR B 45 -5.34 -18.82 17.85
C THR B 45 -5.20 -19.63 16.57
N GLN B 46 -6.29 -19.72 15.80
CA GLN B 46 -6.26 -20.46 14.55
C GLN B 46 -5.33 -19.82 13.53
N ILE B 47 -5.35 -18.49 13.45
CA ILE B 47 -4.51 -17.75 12.53
C ILE B 47 -3.03 -18.00 12.89
N ILE B 48 -2.71 -17.93 14.17
CA ILE B 48 -1.34 -18.15 14.64
C ILE B 48 -0.91 -19.57 14.24
N GLN B 49 -1.76 -20.55 14.52
CA GLN B 49 -1.47 -21.95 14.19
C GLN B 49 -1.08 -22.14 12.73
N ILE B 50 -1.91 -21.61 11.83
CA ILE B 50 -1.67 -21.74 10.40
C ILE B 50 -0.40 -21.04 9.94
N LEU B 51 -0.19 -19.82 10.40
CA LEU B 51 0.97 -19.02 10.00
C LEU B 51 2.29 -19.40 10.67
N LYS B 52 2.20 -20.00 11.86
CA LYS B 52 3.41 -20.40 12.58
C LYS B 52 4.31 -19.20 12.82
N LEU B 53 3.74 -18.14 13.38
CA LEU B 53 4.49 -16.92 13.66
C LEU B 53 4.30 -16.52 15.11
N PRO B 54 5.14 -15.61 15.62
CA PRO B 54 5.01 -15.18 17.01
C PRO B 54 3.63 -14.59 17.25
N GLN B 55 3.05 -14.90 18.41
CA GLN B 55 1.74 -14.41 18.78
C GLN B 55 1.62 -12.90 18.60
N SER B 56 2.65 -12.17 19.04
CA SER B 56 2.66 -10.72 18.95
C SER B 56 2.71 -10.23 17.51
N THR B 57 3.36 -10.97 16.62
CA THR B 57 3.44 -10.56 15.23
C THR B 57 2.04 -10.58 14.60
N VAL B 58 1.31 -11.66 14.85
CA VAL B 58 -0.03 -11.82 14.33
C VAL B 58 -1.00 -10.78 14.91
N SER B 59 -0.90 -10.54 16.22
CA SER B 59 -1.76 -9.56 16.89
C SER B 59 -1.54 -8.16 16.33
N GLN B 60 -0.27 -7.79 16.11
CA GLN B 60 0.07 -6.48 15.57
C GLN B 60 -0.55 -6.30 14.18
N HIS B 61 -0.42 -7.32 13.33
CA HIS B 61 -0.98 -7.25 11.98
C HIS B 61 -2.49 -7.14 12.02
N LEU B 62 -3.13 -7.98 12.84
CA LEU B 62 -4.58 -7.95 12.93
C LEU B 62 -5.09 -6.61 13.42
N CYS B 63 -4.37 -6.01 14.34
CA CYS B 63 -4.74 -4.72 14.90
C CYS B 63 -4.75 -3.61 13.83
N LYS B 64 -3.69 -3.57 13.03
CA LYS B 64 -3.56 -2.58 11.97
C LYS B 64 -4.61 -2.76 10.87
N MSE B 65 -5.00 -4.01 10.62
CA MSE B 65 -5.96 -4.33 9.57
C MSE B 65 -7.44 -4.17 9.99
O MSE B 65 -8.31 -4.01 9.16
CB MSE B 65 -5.74 -5.78 9.10
CG MSE B 65 -4.31 -6.10 8.67
SE MSE B 65 -3.94 -8.04 8.54
CE MSE B 65 -5.01 -8.63 9.98
N ARG B 66 -7.69 -4.19 11.30
CA ARG B 66 -9.06 -4.06 11.80
C ARG B 66 -9.66 -2.72 11.41
N GLY B 67 -10.88 -2.76 10.90
CA GLY B 67 -11.55 -1.53 10.49
C GLY B 67 -11.76 -1.42 9.00
N LYS B 68 -10.71 -1.09 8.26
CA LYS B 68 -10.85 -0.94 6.83
C LYS B 68 -10.65 -2.23 6.01
N VAL B 69 -9.89 -3.18 6.54
CA VAL B 69 -9.67 -4.42 5.81
C VAL B 69 -10.38 -5.62 6.45
N LEU B 70 -10.34 -5.70 7.77
CA LEU B 70 -10.98 -6.81 8.46
C LEU B 70 -12.01 -6.34 9.48
N LYS B 71 -12.97 -7.21 9.74
CA LYS B 71 -13.99 -6.91 10.74
C LYS B 71 -13.77 -7.89 11.88
N ARG B 72 -14.01 -7.44 13.09
CA ARG B 72 -13.83 -8.25 14.27
C ARG B 72 -15.17 -8.63 14.89
N ASN B 73 -15.34 -9.91 15.20
CA ASN B 73 -16.58 -10.40 15.81
C ASN B 73 -16.22 -11.22 17.04
N ARG B 74 -17.05 -11.11 18.08
CA ARG B 74 -16.80 -11.83 19.31
C ARG B 74 -17.80 -12.94 19.56
N GLN B 75 -17.28 -14.17 19.64
CA GLN B 75 -18.10 -15.34 19.91
C GLN B 75 -17.58 -15.97 21.18
N GLY B 76 -18.34 -15.85 22.26
CA GLY B 76 -17.89 -16.41 23.52
C GLY B 76 -16.66 -15.63 23.98
N LEU B 77 -15.55 -16.32 24.14
CA LEU B 77 -14.32 -15.66 24.57
C LEU B 77 -13.33 -15.58 23.42
N GLU B 78 -13.74 -16.12 22.28
CA GLU B 78 -12.90 -16.10 21.08
C GLU B 78 -13.25 -14.90 20.21
N ILE B 79 -12.23 -14.31 19.59
CA ILE B 79 -12.44 -13.17 18.71
C ILE B 79 -12.19 -13.63 17.27
N TYR B 80 -13.22 -13.54 16.44
CA TYR B 80 -13.11 -13.97 15.05
C TYR B 80 -12.91 -12.82 14.07
N TYR B 81 -11.98 -13.01 13.14
CA TYR B 81 -11.73 -12.02 12.12
C TYR B 81 -12.22 -12.51 10.77
N SER B 82 -12.71 -11.58 9.97
CA SER B 82 -13.20 -11.90 8.64
C SER B 82 -12.99 -10.66 7.76
N ILE B 83 -13.04 -10.86 6.46
CA ILE B 83 -12.84 -9.76 5.52
C ILE B 83 -14.02 -8.79 5.59
N ASN B 84 -13.71 -7.50 5.73
CA ASN B 84 -14.75 -6.49 5.89
C ASN B 84 -15.13 -5.65 4.66
N ASN B 85 -14.67 -6.04 3.48
CA ASN B 85 -14.95 -5.27 2.27
C ASN B 85 -14.83 -6.14 1.03
N PRO B 86 -15.87 -6.18 0.18
CA PRO B 86 -15.85 -6.98 -1.06
C PRO B 86 -14.61 -6.74 -1.92
N LYS B 87 -14.09 -5.51 -1.89
CA LYS B 87 -12.91 -5.17 -2.69
C LYS B 87 -11.70 -5.99 -2.24
N VAL B 88 -11.58 -6.20 -0.93
CA VAL B 88 -10.47 -6.97 -0.37
C VAL B 88 -10.51 -8.40 -0.88
N GLU B 89 -11.69 -8.99 -0.87
CA GLU B 89 -11.83 -10.36 -1.33
C GLU B 89 -11.52 -10.46 -2.83
N GLY B 90 -12.03 -9.50 -3.59
CA GLY B 90 -11.76 -9.52 -5.03
C GLY B 90 -10.27 -9.42 -5.31
N ILE B 91 -9.57 -8.55 -4.58
CA ILE B 91 -8.12 -8.39 -4.78
C ILE B 91 -7.34 -9.65 -4.40
N ILE B 92 -7.68 -10.24 -3.26
CA ILE B 92 -6.98 -11.44 -2.81
C ILE B 92 -7.15 -12.58 -3.84
N LYS B 93 -8.36 -12.72 -4.39
CA LYS B 93 -8.61 -13.76 -5.39
C LYS B 93 -7.74 -13.52 -6.61
N LEU B 94 -7.67 -12.27 -7.07
CA LEU B 94 -6.87 -11.95 -8.24
C LEU B 94 -5.39 -12.24 -8.04
N LEU B 95 -4.90 -12.02 -6.82
CA LEU B 95 -3.49 -12.25 -6.51
C LEU B 95 -3.06 -13.70 -6.31
N ASN B 96 -4.00 -14.57 -5.93
CA ASN B 96 -3.65 -15.97 -5.74
C ASN B 96 -4.17 -16.89 -6.84
N GLU C 10 -4.24 -7.27 27.74
CA GLU C 10 -3.41 -8.26 26.98
C GLU C 10 -2.69 -7.59 25.82
N TYR C 11 -2.09 -8.41 24.96
CA TYR C 11 -1.36 -7.91 23.80
C TYR C 11 -2.27 -7.15 22.85
N MSE C 12 -3.37 -7.77 22.45
CA MSE C 12 -4.32 -7.15 21.52
C MSE C 12 -4.88 -5.85 22.08
O MSE C 12 -5.04 -4.86 21.35
CB MSE C 12 -5.47 -8.11 21.21
CG MSE C 12 -6.36 -7.66 20.07
SE MSE C 12 -5.42 -7.58 18.36
CE MSE C 12 -5.62 -9.44 17.84
N SER C 13 -5.20 -5.83 23.37
CA SER C 13 -5.76 -4.65 24.00
C SER C 13 -4.78 -3.48 23.96
N LEU C 14 -3.52 -3.77 24.24
CA LEU C 14 -2.49 -2.75 24.24
C LEU C 14 -2.21 -2.31 22.81
N GLU C 15 -2.23 -3.26 21.88
CA GLU C 15 -1.98 -2.97 20.47
C GLU C 15 -3.10 -2.08 19.92
N ASP C 16 -4.34 -2.45 20.22
CA ASP C 16 -5.50 -1.68 19.79
C ASP C 16 -5.43 -0.26 20.34
N ASP C 17 -5.10 -0.15 21.63
CA ASP C 17 -5.03 1.17 22.26
C ASP C 17 -3.93 2.04 21.65
N ALA C 18 -2.76 1.45 21.42
CA ALA C 18 -1.64 2.18 20.84
C ALA C 18 -2.00 2.73 19.45
N GLU C 19 -2.63 1.88 18.64
CA GLU C 19 -3.04 2.22 17.29
C GLU C 19 -4.10 3.31 17.30
N LEU C 20 -5.01 3.22 18.26
CA LEU C 20 -6.07 4.20 18.44
C LEU C 20 -5.45 5.57 18.73
N LEU C 21 -4.57 5.59 19.73
CA LEU C 21 -3.87 6.82 20.11
C LEU C 21 -3.05 7.36 18.94
N LYS C 22 -2.31 6.48 18.27
CA LYS C 22 -1.50 6.89 17.13
C LYS C 22 -2.33 7.56 16.05
N THR C 23 -3.48 6.97 15.74
CA THR C 23 -4.34 7.50 14.71
C THR C 23 -4.92 8.86 15.06
N MSE C 24 -5.10 9.14 16.34
CA MSE C 24 -5.64 10.42 16.80
C MSE C 24 -4.58 11.52 16.95
O MSE C 24 -4.93 12.70 16.94
CB MSE C 24 -6.33 10.26 18.15
CG MSE C 24 -7.56 9.37 18.18
SE MSE C 24 -8.19 9.17 20.03
CE MSE C 24 -8.92 10.93 20.30
N ALA C 25 -3.32 11.13 17.09
CA ALA C 25 -2.20 12.04 17.34
C ALA C 25 -1.80 13.07 16.28
N HIS C 26 -2.77 13.82 15.75
CA HIS C 26 -2.49 14.83 14.73
C HIS C 26 -3.44 15.99 15.03
N PRO C 27 -2.91 17.22 15.15
CA PRO C 27 -3.72 18.39 15.44
C PRO C 27 -5.02 18.49 14.63
N MSE C 28 -4.94 18.33 13.31
CA MSE C 28 -6.14 18.44 12.50
C MSE C 28 -7.14 17.32 12.78
O MSE C 28 -8.35 17.53 12.70
CB MSE C 28 -5.82 18.47 11.01
CG MSE C 28 -7.01 18.94 10.17
SE MSE C 28 -6.65 19.04 8.26
CE MSE C 28 -5.12 20.25 8.31
N ARG C 29 -6.65 16.13 13.10
CA ARG C 29 -7.53 14.99 13.39
C ARG C 29 -8.22 15.22 14.73
N LEU C 30 -7.48 15.76 15.70
CA LEU C 30 -8.07 16.05 17.00
C LEU C 30 -9.15 17.10 16.79
N LYS C 31 -8.88 18.06 15.91
CA LYS C 31 -9.88 19.09 15.67
C LYS C 31 -11.13 18.46 15.05
N ILE C 32 -10.94 17.56 14.09
CA ILE C 32 -12.09 16.92 13.45
C ILE C 32 -12.87 16.07 14.47
N VAL C 33 -12.15 15.32 15.31
CA VAL C 33 -12.81 14.50 16.31
C VAL C 33 -13.60 15.35 17.31
N ASN C 34 -13.03 16.48 17.71
CA ASN C 34 -13.72 17.35 18.66
C ASN C 34 -15.01 17.90 18.05
N GLU C 35 -14.98 18.20 16.75
CA GLU C 35 -16.17 18.71 16.10
C GLU C 35 -17.22 17.61 16.04
N LEU C 36 -16.79 16.37 15.84
CA LEU C 36 -17.72 15.24 15.80
C LEU C 36 -18.28 14.97 17.19
N TYR C 37 -17.48 15.19 18.22
CA TYR C 37 -17.93 14.99 19.60
C TYR C 37 -19.02 16.02 19.90
N LYS C 38 -18.82 17.25 19.43
CA LYS C 38 -19.79 18.31 19.68
C LYS C 38 -21.07 18.18 18.88
N HIS C 39 -20.94 17.78 17.61
CA HIS C 39 -22.11 17.65 16.74
C HIS C 39 -22.63 16.23 16.55
N LYS C 40 -21.89 15.26 17.10
CA LYS C 40 -22.26 13.84 17.03
C LYS C 40 -22.10 13.21 15.65
N ALA C 41 -22.61 13.87 14.62
CA ALA C 41 -22.53 13.36 13.27
C ALA C 41 -22.35 14.49 12.28
N LEU C 42 -21.44 14.32 11.33
CA LEU C 42 -21.18 15.35 10.32
C LEU C 42 -20.76 14.74 9.00
N ASN C 43 -21.25 15.28 7.89
CA ASN C 43 -20.83 14.79 6.58
C ASN C 43 -19.59 15.60 6.19
N VAL C 44 -18.92 15.21 5.12
CA VAL C 44 -17.70 15.91 4.69
C VAL C 44 -17.91 17.41 4.44
N THR C 45 -19.00 17.75 3.76
CA THR C 45 -19.29 19.14 3.48
C THR C 45 -19.40 19.96 4.75
N GLN C 46 -20.12 19.42 5.74
CA GLN C 46 -20.29 20.11 7.01
C GLN C 46 -18.98 20.32 7.75
N ILE C 47 -18.08 19.33 7.66
CA ILE C 47 -16.80 19.42 8.35
C ILE C 47 -15.98 20.54 7.72
N ILE C 48 -15.93 20.55 6.40
CA ILE C 48 -15.20 21.58 5.67
C ILE C 48 -15.79 22.95 6.03
N GLN C 49 -17.12 23.03 6.04
CA GLN C 49 -17.82 24.27 6.37
C GLN C 49 -17.46 24.81 7.75
N ILE C 50 -17.24 23.92 8.70
CA ILE C 50 -16.89 24.32 10.06
C ILE C 50 -15.42 24.67 10.23
N LEU C 51 -14.55 23.83 9.71
CA LEU C 51 -13.11 24.05 9.85
C LEU C 51 -12.47 24.88 8.74
N LYS C 52 -13.18 25.05 7.62
CA LYS C 52 -12.67 25.83 6.50
C LYS C 52 -11.37 25.23 5.97
N LEU C 53 -11.33 23.92 5.78
CA LEU C 53 -10.12 23.26 5.30
C LEU C 53 -10.23 22.63 3.91
N PRO C 54 -9.07 22.33 3.28
CA PRO C 54 -9.04 21.72 1.96
C PRO C 54 -9.82 20.41 1.93
N GLN C 55 -10.71 20.29 0.95
CA GLN C 55 -11.55 19.11 0.80
C GLN C 55 -10.77 17.80 0.75
N SER C 56 -9.68 17.77 -0.03
CA SER C 56 -8.87 16.57 -0.14
C SER C 56 -8.20 16.23 1.17
N THR C 57 -7.56 17.22 1.79
CA THR C 57 -6.89 17.00 3.07
C THR C 57 -7.88 16.42 4.08
N VAL C 58 -9.09 16.97 4.11
CA VAL C 58 -10.12 16.49 5.02
C VAL C 58 -10.46 15.04 4.71
N SER C 59 -10.64 14.72 3.42
CA SER C 59 -10.97 13.38 3.01
C SER C 59 -9.87 12.41 3.41
N GLN C 60 -8.63 12.84 3.23
CA GLN C 60 -7.47 12.03 3.59
C GLN C 60 -7.50 11.71 5.07
N HIS C 61 -7.67 12.73 5.90
CA HIS C 61 -7.73 12.51 7.34
C HIS C 61 -8.89 11.59 7.69
N LEU C 62 -10.08 11.87 7.15
CA LEU C 62 -11.25 11.04 7.42
C LEU C 62 -10.99 9.58 7.05
N CYS C 63 -10.44 9.38 5.85
CA CYS C 63 -10.16 8.03 5.38
C CYS C 63 -9.18 7.25 6.27
N LYS C 64 -8.18 7.93 6.81
CA LYS C 64 -7.23 7.23 7.66
C LYS C 64 -7.81 6.95 9.05
N MSE C 65 -8.79 7.76 9.44
CA MSE C 65 -9.45 7.63 10.73
C MSE C 65 -10.58 6.60 10.72
O MSE C 65 -10.90 6.00 11.74
CB MSE C 65 -9.99 8.99 11.15
CG MSE C 65 -9.03 10.15 10.85
SE MSE C 65 -9.63 11.88 11.49
CE MSE C 65 -9.60 11.21 13.25
N ARG C 66 -11.18 6.40 9.54
CA ARG C 66 -12.30 5.47 9.39
C ARG C 66 -11.94 4.04 9.77
N GLY C 67 -12.77 3.44 10.61
CA GLY C 67 -12.54 2.07 11.04
C GLY C 67 -11.99 1.95 12.45
N LYS C 68 -10.98 2.75 12.75
CA LYS C 68 -10.34 2.73 14.07
C LYS C 68 -10.88 3.79 15.02
N VAL C 69 -10.96 5.02 14.55
CA VAL C 69 -11.42 6.13 15.36
C VAL C 69 -12.81 6.62 14.98
N LEU C 70 -13.11 6.57 13.69
CA LEU C 70 -14.41 7.03 13.21
C LEU C 70 -15.18 5.96 12.47
N LYS C 71 -16.50 6.11 12.45
CA LYS C 71 -17.34 5.18 11.72
C LYS C 71 -18.07 5.97 10.64
N ARG C 72 -18.19 5.37 9.46
CA ARG C 72 -18.88 6.01 8.36
C ARG C 72 -20.29 5.44 8.32
N ASN C 73 -21.28 6.32 8.23
CA ASN C 73 -22.68 5.93 8.20
C ASN C 73 -23.34 6.40 6.92
N ARG C 74 -24.28 5.61 6.41
CA ARG C 74 -24.98 5.99 5.19
C ARG C 74 -26.50 6.04 5.38
N GLN C 75 -27.08 7.22 5.18
CA GLN C 75 -28.52 7.40 5.28
C GLN C 75 -28.99 8.03 3.98
N GLY C 76 -29.82 7.31 3.24
CA GLY C 76 -30.28 7.82 1.97
C GLY C 76 -29.09 7.90 1.04
N LEU C 77 -28.77 9.11 0.59
CA LEU C 77 -27.62 9.30 -0.28
C LEU C 77 -26.57 10.08 0.49
N GLU C 78 -26.86 10.30 1.77
CA GLU C 78 -25.97 11.04 2.66
C GLU C 78 -24.99 10.13 3.39
N ILE C 79 -23.73 10.53 3.42
CA ILE C 79 -22.71 9.78 4.13
C ILE C 79 -22.20 10.67 5.25
N TYR C 80 -22.35 10.23 6.49
CA TYR C 80 -21.87 11.04 7.60
C TYR C 80 -20.98 10.25 8.52
N TYR C 81 -20.09 10.96 9.21
CA TYR C 81 -19.16 10.34 10.13
C TYR C 81 -19.51 10.62 11.59
N SER C 82 -19.13 9.68 12.45
CA SER C 82 -19.35 9.82 13.87
C SER C 82 -18.28 9.02 14.59
N ILE C 83 -18.19 9.23 15.90
CA ILE C 83 -17.22 8.51 16.71
C ILE C 83 -17.86 7.16 17.03
N ASN C 84 -17.14 6.08 16.75
CA ASN C 84 -17.68 4.74 17.02
C ASN C 84 -17.23 4.15 18.35
N ASN C 85 -15.98 4.40 18.71
CA ASN C 85 -15.40 3.87 19.94
C ASN C 85 -15.60 4.76 21.17
N PRO C 86 -16.12 4.20 22.27
CA PRO C 86 -16.35 4.93 23.51
C PRO C 86 -15.05 5.50 24.05
N LYS C 87 -13.95 4.81 23.77
CA LYS C 87 -12.64 5.25 24.20
C LYS C 87 -12.31 6.58 23.56
N VAL C 88 -12.56 6.69 22.25
CA VAL C 88 -12.29 7.93 21.54
C VAL C 88 -13.08 9.08 22.15
N GLU C 89 -14.37 8.86 22.38
CA GLU C 89 -15.19 9.91 22.96
C GLU C 89 -14.65 10.33 24.32
N GLY C 90 -14.31 9.35 25.15
CA GLY C 90 -13.78 9.67 26.48
C GLY C 90 -12.50 10.49 26.41
N ILE C 91 -11.61 10.11 25.49
CA ILE C 91 -10.34 10.83 25.34
C ILE C 91 -10.50 12.26 24.85
N ILE C 92 -11.28 12.46 23.78
CA ILE C 92 -11.47 13.81 23.25
C ILE C 92 -12.16 14.70 24.30
N LYS C 93 -12.99 14.09 25.13
CA LYS C 93 -13.67 14.84 26.17
C LYS C 93 -12.66 15.33 27.21
N LEU C 94 -11.72 14.45 27.57
CA LEU C 94 -10.67 14.79 28.53
C LEU C 94 -9.77 15.90 28.02
N LEU C 95 -9.52 15.91 26.71
CA LEU C 95 -8.65 16.91 26.11
C LEU C 95 -9.30 18.27 25.96
N ASN C 96 -10.63 18.32 26.01
CA ASN C 96 -11.35 19.59 25.88
C ASN C 96 -11.67 20.22 27.23
N GLU D 10 17.07 4.03 -21.88
CA GLU D 10 16.39 5.35 -21.89
C GLU D 10 17.10 6.41 -21.06
N TYR D 11 16.92 7.66 -21.45
CA TYR D 11 17.53 8.78 -20.73
C TYR D 11 16.95 8.81 -19.31
N MSE D 12 17.78 9.18 -18.34
CA MSE D 12 17.34 9.24 -16.96
C MSE D 12 17.41 10.66 -16.40
O MSE D 12 18.42 11.34 -16.57
CB MSE D 12 18.17 8.32 -16.08
CG MSE D 12 17.91 6.84 -16.29
SE MSE D 12 18.98 5.80 -15.04
CE MSE D 12 18.01 6.21 -13.42
N SER D 13 16.35 11.08 -15.73
CA SER D 13 16.30 12.41 -15.12
C SER D 13 16.91 12.35 -13.73
N LEU D 14 16.93 13.50 -13.04
CA LEU D 14 17.47 13.55 -11.68
C LEU D 14 16.61 12.72 -10.74
N GLU D 15 15.30 12.73 -10.97
CA GLU D 15 14.40 11.95 -10.13
C GLU D 15 14.68 10.47 -10.31
N ASP D 16 14.82 10.05 -11.57
CA ASP D 16 15.11 8.65 -11.91
C ASP D 16 16.40 8.18 -11.25
N ASP D 17 17.42 9.04 -11.30
CA ASP D 17 18.72 8.73 -10.71
C ASP D 17 18.61 8.57 -9.19
N ALA D 18 17.93 9.52 -8.56
CA ALA D 18 17.74 9.53 -7.12
C ALA D 18 17.05 8.26 -6.62
N GLU D 19 15.94 7.91 -7.27
CA GLU D 19 15.21 6.71 -6.90
C GLU D 19 16.06 5.46 -7.10
N LEU D 20 16.89 5.46 -8.13
CA LEU D 20 17.75 4.31 -8.39
C LEU D 20 18.79 4.14 -7.28
N LEU D 21 19.42 5.23 -6.87
CA LEU D 21 20.42 5.17 -5.82
C LEU D 21 19.73 4.77 -4.50
N LYS D 22 18.52 5.30 -4.29
CA LYS D 22 17.79 5.00 -3.07
C LYS D 22 17.51 3.51 -2.94
N THR D 23 17.10 2.89 -4.05
CA THR D 23 16.79 1.47 -4.04
C THR D 23 18.04 0.61 -3.82
N MSE D 24 19.18 1.10 -4.28
CA MSE D 24 20.44 0.36 -4.13
C MSE D 24 21.14 0.62 -2.80
O MSE D 24 21.99 -0.16 -2.39
CB MSE D 24 21.42 0.75 -5.25
CG MSE D 24 20.99 0.38 -6.67
SE MSE D 24 22.34 0.99 -7.96
CE MSE D 24 23.72 -0.31 -7.58
N ALA D 25 20.76 1.69 -2.13
CA ALA D 25 21.40 2.09 -0.87
C ALA D 25 21.19 1.17 0.34
N HIS D 26 21.34 -0.13 0.13
CA HIS D 26 21.20 -1.13 1.19
C HIS D 26 22.32 -2.16 1.00
N PRO D 27 23.04 -2.50 2.08
CA PRO D 27 24.15 -3.45 2.04
C PRO D 27 23.87 -4.77 1.33
N MSE D 28 22.76 -5.41 1.68
CA MSE D 28 22.41 -6.70 1.08
C MSE D 28 21.94 -6.57 -0.37
O MSE D 28 22.03 -7.53 -1.13
CB MSE D 28 21.35 -7.41 1.92
CG MSE D 28 21.86 -7.95 3.25
SE MSE D 28 23.36 -9.19 3.06
CE MSE D 28 24.81 -7.94 3.34
N ARG D 29 21.44 -5.41 -0.73
CA ARG D 29 20.99 -5.21 -2.11
C ARG D 29 22.24 -5.02 -2.97
N LEU D 30 23.23 -4.31 -2.44
CA LEU D 30 24.47 -4.10 -3.16
C LEU D 30 25.09 -5.48 -3.34
N LYS D 31 25.02 -6.28 -2.28
CA LYS D 31 25.56 -7.63 -2.31
C LYS D 31 24.89 -8.40 -3.45
N ILE D 32 23.57 -8.35 -3.50
CA ILE D 32 22.81 -9.04 -4.54
C ILE D 32 23.21 -8.55 -5.93
N VAL D 33 23.26 -7.24 -6.12
CA VAL D 33 23.63 -6.68 -7.41
C VAL D 33 25.03 -7.16 -7.82
N ASN D 34 25.96 -7.13 -6.89
CA ASN D 34 27.33 -7.55 -7.16
C ASN D 34 27.36 -8.99 -7.65
N GLU D 35 26.54 -9.84 -7.03
CA GLU D 35 26.47 -11.25 -7.40
C GLU D 35 25.90 -11.44 -8.81
N LEU D 36 24.91 -10.65 -9.16
CA LEU D 36 24.28 -10.75 -10.48
C LEU D 36 25.20 -10.20 -11.56
N TYR D 37 26.25 -9.49 -11.14
CA TYR D 37 27.19 -8.91 -12.10
C TYR D 37 28.26 -9.96 -12.44
N LYS D 38 28.55 -10.81 -11.47
CA LYS D 38 29.56 -11.86 -11.66
C LYS D 38 28.96 -13.13 -12.24
N HIS D 39 27.64 -13.28 -12.17
CA HIS D 39 26.99 -14.47 -12.69
C HIS D 39 25.94 -14.16 -13.75
N LYS D 40 25.68 -12.89 -13.98
CA LYS D 40 24.70 -12.45 -14.98
C LYS D 40 23.25 -12.77 -14.62
N ALA D 41 22.99 -13.97 -14.13
CA ALA D 41 21.63 -14.38 -13.78
C ALA D 41 21.59 -15.48 -12.73
N LEU D 42 20.79 -15.27 -11.70
CA LEU D 42 20.64 -16.23 -10.61
C LEU D 42 19.18 -16.37 -10.21
N ASN D 43 18.81 -17.54 -9.72
CA ASN D 43 17.43 -17.78 -9.28
C ASN D 43 17.39 -17.49 -7.78
N VAL D 44 16.18 -17.47 -7.22
CA VAL D 44 16.00 -17.18 -5.81
C VAL D 44 16.79 -18.15 -4.91
N THR D 45 16.69 -19.44 -5.19
CA THR D 45 17.38 -20.45 -4.40
C THR D 45 18.88 -20.18 -4.35
N GLN D 46 19.45 -19.77 -5.48
CA GLN D 46 20.87 -19.48 -5.57
C GLN D 46 21.26 -18.25 -4.76
N ILE D 47 20.51 -17.17 -4.93
CA ILE D 47 20.79 -15.94 -4.21
C ILE D 47 20.81 -16.16 -2.71
N ILE D 48 19.79 -16.84 -2.18
CA ILE D 48 19.71 -17.10 -0.75
C ILE D 48 20.91 -17.89 -0.26
N GLN D 49 21.43 -18.76 -1.13
CA GLN D 49 22.58 -19.59 -0.79
C GLN D 49 23.84 -18.73 -0.66
N ILE D 50 24.07 -17.87 -1.64
CA ILE D 50 25.23 -16.99 -1.63
C ILE D 50 25.18 -16.01 -0.45
N LEU D 51 23.99 -15.49 -0.16
CA LEU D 51 23.82 -14.54 0.93
C LEU D 51 23.72 -15.20 2.31
N LYS D 52 23.11 -16.38 2.36
CA LYS D 52 22.94 -17.14 3.60
C LYS D 52 21.81 -16.60 4.49
N LEU D 53 20.99 -15.70 3.96
CA LEU D 53 19.89 -15.12 4.72
C LEU D 53 18.57 -15.82 4.37
N PRO D 54 17.55 -15.67 5.24
CA PRO D 54 16.24 -16.29 5.01
C PRO D 54 15.56 -15.83 3.71
N GLN D 55 14.85 -16.77 3.08
CA GLN D 55 14.15 -16.51 1.83
C GLN D 55 13.19 -15.32 1.86
N SER D 56 12.52 -15.10 2.99
CA SER D 56 11.59 -14.00 3.11
C SER D 56 12.34 -12.66 3.00
N THR D 57 13.52 -12.61 3.61
CA THR D 57 14.34 -11.40 3.60
C THR D 57 14.91 -11.14 2.21
N VAL D 58 15.30 -12.22 1.53
CA VAL D 58 15.86 -12.11 0.19
C VAL D 58 14.76 -11.72 -0.79
N SER D 59 13.60 -12.35 -0.66
CA SER D 59 12.47 -12.07 -1.53
C SER D 59 12.02 -10.64 -1.39
N GLN D 60 12.11 -10.10 -0.17
CA GLN D 60 11.70 -8.72 0.08
C GLN D 60 12.66 -7.75 -0.61
N HIS D 61 13.96 -8.04 -0.58
CA HIS D 61 14.91 -7.15 -1.24
C HIS D 61 14.69 -7.21 -2.76
N LEU D 62 14.41 -8.41 -3.26
CA LEU D 62 14.17 -8.61 -4.69
C LEU D 62 12.93 -7.86 -5.20
N CYS D 63 11.85 -7.89 -4.44
CA CYS D 63 10.63 -7.23 -4.89
C CYS D 63 10.80 -5.71 -4.99
N LYS D 64 11.66 -5.14 -4.16
CA LYS D 64 11.93 -3.69 -4.21
C LYS D 64 12.76 -3.34 -5.45
N MSE D 65 13.59 -4.28 -5.87
CA MSE D 65 14.48 -4.07 -7.01
C MSE D 65 13.85 -4.40 -8.37
O MSE D 65 14.28 -3.89 -9.40
CB MSE D 65 15.76 -4.89 -6.80
CG MSE D 65 16.36 -4.69 -5.41
SE MSE D 65 17.92 -5.76 -4.96
CE MSE D 65 17.11 -7.48 -4.81
N ARG D 66 12.83 -5.24 -8.35
CA ARG D 66 12.12 -5.66 -9.56
C ARG D 66 11.71 -4.49 -10.44
N GLY D 67 11.93 -4.61 -11.74
CA GLY D 67 11.56 -3.56 -12.66
C GLY D 67 12.73 -2.76 -13.20
N LYS D 68 13.00 -1.61 -12.58
CA LYS D 68 14.08 -0.73 -13.02
C LYS D 68 15.50 -1.21 -12.70
N VAL D 69 15.73 -1.74 -11.50
CA VAL D 69 17.05 -2.21 -11.13
C VAL D 69 17.33 -3.62 -11.66
N LEU D 70 16.40 -4.54 -11.43
CA LEU D 70 16.56 -5.92 -11.89
C LEU D 70 15.41 -6.38 -12.78
N LYS D 71 15.65 -7.43 -13.56
CA LYS D 71 14.63 -7.99 -14.45
C LYS D 71 14.55 -9.50 -14.32
N ARG D 72 13.56 -10.10 -14.98
CA ARG D 72 13.37 -11.54 -14.94
C ARG D 72 13.01 -12.10 -16.32
N TYR D 80 14.75 -16.46 -12.63
CA TYR D 80 16.12 -15.97 -12.82
C TYR D 80 16.16 -14.45 -12.92
N TYR D 81 16.94 -13.83 -12.04
CA TYR D 81 17.10 -12.38 -12.00
C TYR D 81 18.41 -11.94 -12.63
N SER D 82 18.39 -10.78 -13.26
CA SER D 82 19.58 -10.23 -13.89
C SER D 82 19.51 -8.70 -13.86
N ILE D 83 20.66 -8.06 -13.95
CA ILE D 83 20.72 -6.60 -13.94
C ILE D 83 20.10 -6.00 -15.20
N ASN D 84 19.13 -5.12 -15.00
CA ASN D 84 18.48 -4.47 -16.12
C ASN D 84 19.28 -3.24 -16.53
N ASN D 85 18.93 -2.10 -15.95
CA ASN D 85 19.60 -0.85 -16.23
C ASN D 85 21.12 -0.99 -16.27
N PRO D 86 21.77 -0.33 -17.25
CA PRO D 86 23.23 -0.39 -17.38
C PRO D 86 23.95 0.42 -16.30
N LYS D 87 23.32 1.51 -15.86
CA LYS D 87 23.91 2.35 -14.82
C LYS D 87 24.12 1.53 -13.55
N VAL D 88 23.27 0.54 -13.34
CA VAL D 88 23.36 -0.33 -12.18
C VAL D 88 24.71 -1.03 -12.17
N GLU D 89 25.05 -1.68 -13.28
CA GLU D 89 26.33 -2.39 -13.41
C GLU D 89 27.50 -1.42 -13.29
N GLY D 90 27.35 -0.24 -13.88
CA GLY D 90 28.41 0.74 -13.82
C GLY D 90 28.68 1.15 -12.38
N ILE D 91 27.60 1.37 -11.62
CA ILE D 91 27.74 1.77 -10.22
C ILE D 91 28.38 0.67 -9.38
N ILE D 92 27.93 -0.57 -9.57
CA ILE D 92 28.43 -1.70 -8.81
C ILE D 92 29.91 -1.97 -9.12
N LYS D 93 30.31 -1.70 -10.36
CA LYS D 93 31.70 -1.91 -10.76
C LYS D 93 32.54 -0.80 -10.14
N LEU D 94 31.99 0.40 -10.13
CA LEU D 94 32.68 1.56 -9.55
C LEU D 94 32.86 1.40 -8.04
N LEU D 95 32.04 0.54 -7.43
CA LEU D 95 32.12 0.32 -5.99
C LEU D 95 32.93 -0.92 -5.58
N ASN D 96 33.29 -1.76 -6.54
CA ASN D 96 34.08 -2.96 -6.24
C ASN D 96 35.46 -2.57 -5.74
N PRO D 97 36.21 -3.52 -5.16
CA PRO D 97 35.91 -4.94 -4.93
C PRO D 97 34.61 -5.22 -4.16
N ILE D 98 33.73 -5.96 -4.81
CA ILE D 98 32.41 -6.35 -4.28
C ILE D 98 31.74 -5.34 -3.36
#